data_4NEW
#
_entry.id   4NEW
#
_cell.length_a   86.846
_cell.length_b   86.846
_cell.length_c   151.099
_cell.angle_alpha   90.00
_cell.angle_beta   90.00
_cell.angle_gamma   90.00
#
_symmetry.space_group_name_H-M   'P 43 2 2'
#
loop_
_entity.id
_entity.type
_entity.pdbx_description
1 polymer 'Trypanothione reductase, putative'
2 non-polymer 'FLAVIN-ADENINE DINUCLEOTIDE'
3 non-polymer 5-{5-[1-(pyrrolidin-1-yl)cyclohexyl]-1,3-thiazol-2-yl}-1H-indole
#
_entity_poly.entity_id   1
_entity_poly.type   'polypeptide(L)'
_entity_poly.pdbx_seq_one_letter_code
;MMPKIFDLVVIGAGSGGLEAAWNAATLYKKRVAVIDVQMVHGPPFFSALGGTCVNVGCVPKKLMVTGAQYMEHLRESAGF
GWEFDRTTLRAEWKNLIAVKDEAVLNINKSYDEMFRDTEGLEFFLGWGSLESKNVVNVRESADPASAVKERLETEHILLA
SGSWPHMPNIPGIEHCISSNEAFYLPEPPRRVLTVGGGFISVEFAGIFNAYKPKDGQVTLCYRGEMILRGFDHTLREELT
KQLTANGIQILTKENPAKVELNADGSKSVTFESGKKMDFDLVMMAIGRSPRTKDLQLQNAGVMIKNGGVQVDEYSRTNVS
NIYAIGDVTNRVMLTPVAINEAAALVDTVFGTTPRKTDHTRVASAVFSIPPIGTCGLIEEVASKRYEVVAVYLSSFTPLM
HKVSGSKYKTFVAKIITNHSDGTVLGVHLLGDNAPEIIQGIGICLKLNAKISDFYNTIGVHPTSAEELCSMRTPSYYYVK
GEKMEKPSEASL
;
_entity_poly.pdbx_strand_id   A
#
# COMPACT_ATOMS: atom_id res chain seq x y z
N PHE A 6 10.33 -18.08 27.51
CA PHE A 6 9.94 -17.42 26.25
C PHE A 6 11.14 -16.91 25.45
N ASP A 7 11.33 -17.43 24.24
CA ASP A 7 12.47 -17.04 23.41
C ASP A 7 12.27 -15.64 22.80
N LEU A 8 11.02 -15.34 22.45
CA LEU A 8 10.64 -14.06 21.86
C LEU A 8 9.18 -13.69 22.09
N VAL A 9 8.92 -12.38 22.23
CA VAL A 9 7.55 -11.91 22.28
C VAL A 9 7.30 -10.91 21.16
N VAL A 10 6.20 -11.12 20.45
CA VAL A 10 5.82 -10.28 19.34
C VAL A 10 4.57 -9.49 19.65
N ILE A 11 4.72 -8.17 19.70
CA ILE A 11 3.60 -7.27 19.76
C ILE A 11 3.15 -7.00 18.32
N GLY A 12 1.89 -7.30 18.02
CA GLY A 12 1.39 -7.11 16.67
C GLY A 12 1.42 -8.38 15.83
N ALA A 13 0.23 -8.90 15.52
CA ALA A 13 0.10 -10.14 14.79
C ALA A 13 -0.26 -9.80 13.35
N GLY A 14 0.64 -9.05 12.71
CA GLY A 14 0.43 -8.60 11.33
C GLY A 14 1.35 -9.26 10.33
N SER A 15 1.46 -8.65 9.15
CA SER A 15 2.36 -9.12 8.12
C SER A 15 3.75 -9.38 8.65
N GLY A 16 4.31 -8.40 9.34
CA GLY A 16 5.66 -8.52 9.87
C GLY A 16 5.80 -9.48 11.03
N GLY A 17 5.03 -9.26 12.08
CA GLY A 17 5.12 -10.08 13.28
C GLY A 17 4.79 -11.55 13.10
N LEU A 18 3.63 -11.83 12.49
CA LEU A 18 3.24 -13.21 12.23
C LEU A 18 4.36 -13.96 11.53
N GLU A 19 4.85 -13.38 10.44
CA GLU A 19 5.88 -14.03 9.64
C GLU A 19 7.08 -14.47 10.46
N ALA A 20 7.43 -13.68 11.48
CA ALA A 20 8.56 -14.02 12.35
C ALA A 20 8.16 -14.88 13.56
N ALA A 21 6.90 -14.73 13.99
CA ALA A 21 6.32 -15.57 15.05
C ALA A 21 6.25 -17.02 14.57
N TRP A 22 5.80 -17.20 13.34
CA TRP A 22 5.96 -18.45 12.63
C TRP A 22 7.44 -18.37 12.28
N ASN A 23 7.93 -19.28 11.45
CA ASN A 23 9.36 -19.38 11.18
C ASN A 23 10.15 -19.70 12.46
N ALA A 24 10.40 -18.68 13.25
CA ALA A 24 11.12 -18.81 14.53
C ALA A 24 10.65 -20.02 15.33
N ALA A 25 9.35 -20.26 15.35
CA ALA A 25 8.86 -21.45 16.00
C ALA A 25 9.05 -22.64 15.07
N THR A 26 8.45 -22.55 13.88
CA THR A 26 8.41 -23.65 12.93
C THR A 26 9.78 -24.21 12.54
N LEU A 27 10.80 -23.35 12.48
CA LEU A 27 12.10 -23.75 11.92
C LEU A 27 13.19 -23.83 12.97
N TYR A 28 13.00 -23.13 14.09
CA TYR A 28 14.01 -23.09 15.13
C TYR A 28 13.46 -23.59 16.45
N LYS A 29 12.25 -24.14 16.41
CA LYS A 29 11.65 -24.87 17.52
C LYS A 29 11.58 -24.03 18.80
N LYS A 30 11.85 -22.75 18.65
CA LYS A 30 11.67 -21.83 19.75
C LYS A 30 10.17 -21.69 19.95
N ARG A 31 9.78 -21.21 21.13
CA ARG A 31 8.37 -20.96 21.43
C ARG A 31 8.14 -19.49 21.71
N VAL A 32 7.11 -18.94 21.09
CA VAL A 32 6.90 -17.51 21.21
C VAL A 32 5.47 -17.06 21.48
N ALA A 33 5.37 -15.83 21.95
CA ALA A 33 4.11 -15.25 22.31
C ALA A 33 3.79 -14.14 21.32
N VAL A 34 2.53 -14.07 20.90
CA VAL A 34 2.08 -13.06 19.95
C VAL A 34 0.91 -12.27 20.52
N ILE A 35 0.96 -10.95 20.38
CA ILE A 35 -0.11 -10.12 20.91
C ILE A 35 -0.79 -9.32 19.81
N ASP A 36 -2.10 -9.48 19.68
CA ASP A 36 -2.85 -8.48 18.94
C ASP A 36 -4.05 -8.09 19.77
N VAL A 37 -4.83 -7.14 19.26
CA VAL A 37 -5.88 -6.54 20.06
C VAL A 37 -7.26 -7.12 19.78
N GLN A 38 -7.56 -7.43 18.53
CA GLN A 38 -8.83 -8.04 18.19
C GLN A 38 -8.62 -9.50 17.79
N MET A 39 -9.57 -10.05 17.03
CA MET A 39 -9.48 -11.41 16.52
C MET A 39 -10.01 -11.36 15.09
N VAL A 40 -11.26 -10.96 14.93
CA VAL A 40 -11.87 -10.77 13.63
C VAL A 40 -11.72 -9.36 13.08
N HIS A 41 -11.86 -9.21 11.77
CA HIS A 41 -11.85 -7.88 11.19
C HIS A 41 -13.02 -7.04 11.70
N GLY A 42 -12.96 -5.73 11.44
CA GLY A 42 -14.08 -4.82 11.71
C GLY A 42 -13.89 -3.88 12.88
N PRO A 43 -14.87 -2.96 13.10
CA PRO A 43 -14.98 -2.12 14.30
C PRO A 43 -14.85 -2.96 15.59
N PRO A 44 -14.33 -2.37 16.68
CA PRO A 44 -13.94 -0.96 16.76
C PRO A 44 -12.46 -0.71 16.53
N PHE A 45 -11.67 -1.78 16.41
CA PHE A 45 -10.21 -1.63 16.30
C PHE A 45 -9.69 -1.86 14.88
N PHE A 46 -10.52 -2.51 14.05
CA PHE A 46 -10.27 -2.73 12.61
C PHE A 46 -9.20 -3.78 12.34
N SER A 47 -8.01 -3.52 12.83
CA SER A 47 -6.92 -4.44 12.61
C SER A 47 -6.94 -5.57 13.63
N ALA A 48 -7.20 -6.77 13.14
CA ALA A 48 -7.18 -7.94 13.98
C ALA A 48 -5.94 -8.79 13.74
N LEU A 49 -5.93 -9.97 14.35
CA LEU A 49 -5.06 -11.07 13.96
C LEU A 49 -5.00 -11.16 12.42
N GLY A 50 -3.77 -11.16 11.90
CA GLY A 50 -3.56 -11.16 10.48
C GLY A 50 -2.86 -9.87 10.11
N GLY A 51 -3.24 -8.80 10.80
CA GLY A 51 -2.63 -7.49 10.59
C GLY A 51 -3.43 -6.56 9.73
N THR A 52 -2.85 -5.39 9.44
CA THR A 52 -3.52 -4.34 8.69
C THR A 52 -3.79 -4.77 7.25
N CYS A 53 -2.84 -5.49 6.66
CA CYS A 53 -2.97 -5.93 5.28
C CYS A 53 -4.06 -6.99 5.09
N VAL A 54 -4.29 -7.81 6.11
CA VAL A 54 -5.26 -8.88 6.02
C VAL A 54 -6.65 -8.35 6.31
N ASN A 55 -6.78 -7.71 7.47
CA ASN A 55 -8.07 -7.22 7.96
C ASN A 55 -8.60 -5.95 7.25
N VAL A 56 -7.72 -4.97 7.01
CA VAL A 56 -8.11 -3.70 6.38
C VAL A 56 -7.08 -3.13 5.39
N GLY A 57 -6.41 -4.00 4.62
CA GLY A 57 -5.36 -3.53 3.74
C GLY A 57 -5.39 -4.11 2.34
N CYS A 58 -4.23 -4.60 1.92
CA CYS A 58 -4.04 -5.13 0.58
C CYS A 58 -5.08 -6.20 0.21
N VAL A 59 -5.45 -7.07 1.14
CA VAL A 59 -6.35 -8.13 0.76
C VAL A 59 -7.77 -7.63 0.55
N PRO A 60 -8.37 -6.99 1.57
CA PRO A 60 -9.75 -6.55 1.39
C PRO A 60 -9.92 -5.57 0.26
N LYS A 61 -8.88 -4.81 -0.06
CA LYS A 61 -9.02 -3.72 -1.01
C LYS A 61 -8.81 -4.20 -2.45
N LYS A 62 -8.00 -5.22 -2.61
CA LYS A 62 -7.75 -5.76 -3.93
C LYS A 62 -9.00 -6.46 -4.43
N LEU A 63 -9.74 -7.08 -3.53
CA LEU A 63 -11.05 -7.64 -3.90
C LEU A 63 -12.01 -6.56 -4.41
N MET A 64 -12.02 -5.42 -3.72
CA MET A 64 -12.93 -4.35 -4.10
C MET A 64 -12.52 -3.75 -5.45
N VAL A 65 -11.23 -3.50 -5.61
CA VAL A 65 -10.69 -3.01 -6.88
C VAL A 65 -10.97 -3.97 -8.06
N THR A 66 -10.97 -5.28 -7.81
CA THR A 66 -11.38 -6.22 -8.85
C THR A 66 -12.86 -6.00 -9.13
N GLY A 67 -13.66 -6.01 -8.07
CA GLY A 67 -15.06 -5.65 -8.14
C GLY A 67 -15.29 -4.40 -8.98
N ALA A 68 -14.53 -3.34 -8.69
CA ALA A 68 -14.63 -2.08 -9.41
C ALA A 68 -14.23 -2.21 -10.88
N GLN A 69 -13.17 -2.96 -11.15
CA GLN A 69 -12.63 -3.05 -12.51
C GLN A 69 -13.69 -3.59 -13.48
N TYR A 70 -14.63 -4.36 -12.95
CA TYR A 70 -15.69 -4.93 -13.79
C TYR A 70 -16.51 -3.91 -14.58
N MET A 71 -16.62 -2.69 -14.03
CA MET A 71 -17.26 -1.58 -14.73
C MET A 71 -16.71 -1.46 -16.14
N GLU A 72 -15.37 -1.43 -16.24
CA GLU A 72 -14.66 -1.34 -17.53
C GLU A 72 -14.91 -2.53 -18.47
N HIS A 73 -15.01 -3.73 -17.92
CA HIS A 73 -15.24 -4.90 -18.78
C HIS A 73 -16.60 -4.88 -19.45
N LEU A 74 -17.65 -4.70 -18.64
CA LEU A 74 -19.02 -4.73 -19.14
C LEU A 74 -19.22 -3.63 -20.20
N ARG A 75 -18.44 -2.56 -20.10
CA ARG A 75 -18.51 -1.50 -21.09
C ARG A 75 -17.71 -1.84 -22.35
N GLU A 76 -16.46 -2.27 -22.14
CA GLU A 76 -15.55 -2.52 -23.25
C GLU A 76 -15.88 -3.82 -23.99
N SER A 77 -16.70 -4.68 -23.36
CA SER A 77 -17.13 -5.92 -23.98
C SER A 77 -17.95 -5.69 -25.24
N ALA A 78 -18.71 -4.60 -25.21
CA ALA A 78 -19.58 -4.21 -26.30
C ALA A 78 -18.83 -4.01 -27.61
N GLY A 79 -17.61 -3.47 -27.52
CA GLY A 79 -16.76 -3.32 -28.68
C GLY A 79 -16.44 -4.61 -29.43
N PHE A 80 -16.29 -5.71 -28.69
CA PHE A 80 -16.03 -7.02 -29.27
C PHE A 80 -17.34 -7.76 -29.47
N GLY A 81 -18.42 -6.98 -29.53
CA GLY A 81 -19.71 -7.49 -29.95
C GLY A 81 -20.55 -8.15 -28.88
N TRP A 82 -20.32 -7.81 -27.62
CA TRP A 82 -21.20 -8.27 -26.55
C TRP A 82 -22.35 -7.28 -26.29
N GLU A 83 -23.59 -7.75 -26.50
CA GLU A 83 -24.76 -6.88 -26.40
C GLU A 83 -25.68 -7.33 -25.28
N PHE A 84 -26.30 -6.36 -24.62
CA PHE A 84 -27.39 -6.63 -23.68
C PHE A 84 -28.08 -5.34 -23.29
N ASP A 85 -29.09 -5.46 -22.44
CA ASP A 85 -29.83 -4.30 -21.95
C ASP A 85 -28.94 -3.37 -21.12
N ARG A 86 -28.18 -2.53 -21.82
CA ARG A 86 -27.28 -1.58 -21.17
C ARG A 86 -28.09 -0.47 -20.51
N THR A 87 -29.13 -0.85 -19.78
CA THR A 87 -29.92 0.11 -19.01
C THR A 87 -30.38 -0.61 -17.74
N THR A 88 -30.09 -1.91 -17.70
CA THR A 88 -30.55 -2.76 -16.61
C THR A 88 -29.40 -3.19 -15.73
N LEU A 89 -28.28 -2.48 -15.78
CA LEU A 89 -27.12 -2.89 -15.02
C LEU A 89 -26.80 -1.91 -13.89
N ARG A 90 -26.52 -2.45 -12.71
CA ARG A 90 -26.13 -1.67 -11.55
C ARG A 90 -25.42 -2.59 -10.57
N ALA A 91 -24.47 -2.04 -9.83
CA ALA A 91 -23.68 -2.85 -8.90
C ALA A 91 -24.18 -2.67 -7.48
N GLU A 92 -24.29 -3.77 -6.75
CA GLU A 92 -24.76 -3.69 -5.39
C GLU A 92 -23.60 -3.77 -4.40
N TRP A 93 -23.30 -2.61 -3.80
CA TRP A 93 -22.17 -2.47 -2.90
C TRP A 93 -22.29 -3.34 -1.65
N LYS A 94 -23.52 -3.64 -1.23
CA LYS A 94 -23.72 -4.45 -0.03
C LYS A 94 -23.19 -5.85 -0.27
N ASN A 95 -23.27 -6.28 -1.53
CA ASN A 95 -22.74 -7.57 -1.93
C ASN A 95 -21.23 -7.58 -1.75
N LEU A 96 -20.58 -6.68 -2.49
CA LEU A 96 -19.13 -6.52 -2.48
C LEU A 96 -18.56 -6.50 -1.07
N ILE A 97 -19.34 -5.99 -0.11
CA ILE A 97 -18.89 -6.04 1.28
C ILE A 97 -19.04 -7.43 1.88
N ALA A 98 -20.13 -8.12 1.54
CA ALA A 98 -20.40 -9.45 2.07
C ALA A 98 -19.26 -10.41 1.75
N VAL A 99 -18.98 -10.53 0.46
CA VAL A 99 -17.91 -11.41 0.00
C VAL A 99 -16.57 -11.03 0.65
N LYS A 100 -16.29 -9.72 0.74
CA LYS A 100 -15.08 -9.25 1.39
C LYS A 100 -14.98 -9.83 2.79
N ASP A 101 -15.99 -9.52 3.61
CA ASP A 101 -16.05 -9.93 5.02
C ASP A 101 -15.72 -11.39 5.21
N GLU A 102 -16.40 -12.24 4.44
CA GLU A 102 -16.22 -13.68 4.51
C GLU A 102 -14.74 -13.98 4.40
N ALA A 103 -14.16 -13.48 3.31
CA ALA A 103 -12.77 -13.76 2.95
C ALA A 103 -11.84 -13.42 4.11
N VAL A 104 -11.95 -12.20 4.62
CA VAL A 104 -11.12 -11.74 5.71
C VAL A 104 -11.31 -12.60 6.95
N LEU A 105 -12.58 -12.81 7.30
CA LEU A 105 -12.94 -13.70 8.41
C LEU A 105 -12.37 -15.10 8.19
N ASN A 106 -12.40 -15.58 6.95
CA ASN A 106 -11.81 -16.87 6.61
C ASN A 106 -10.31 -16.90 6.84
N ILE A 107 -9.65 -15.80 6.52
CA ILE A 107 -8.25 -15.65 6.86
C ILE A 107 -8.13 -15.49 8.39
N ASN A 108 -8.99 -14.65 8.96
CA ASN A 108 -9.07 -14.49 10.40
C ASN A 108 -9.22 -15.85 11.10
N LYS A 109 -10.20 -16.63 10.66
CA LYS A 109 -10.52 -17.94 11.25
C LYS A 109 -9.35 -18.89 11.08
N SER A 110 -8.58 -18.66 10.03
CA SER A 110 -7.41 -19.48 9.79
C SER A 110 -6.29 -19.28 10.81
N TYR A 111 -5.80 -18.04 10.93
CA TYR A 111 -4.74 -17.74 11.89
C TYR A 111 -5.11 -18.21 13.30
N ASP A 112 -6.41 -18.19 13.59
CA ASP A 112 -6.97 -18.78 14.81
C ASP A 112 -6.44 -20.21 14.98
N GLU A 113 -6.69 -21.07 14.00
CA GLU A 113 -6.28 -22.47 14.10
C GLU A 113 -4.77 -22.60 14.13
N MET A 114 -4.09 -21.80 13.31
CA MET A 114 -2.64 -21.86 13.25
C MET A 114 -2.05 -21.82 14.66
N PHE A 115 -2.67 -21.08 15.56
CA PHE A 115 -2.22 -21.05 16.95
C PHE A 115 -2.62 -22.31 17.71
N ARG A 116 -3.86 -22.77 17.48
CA ARG A 116 -4.33 -24.03 18.04
C ARG A 116 -3.29 -25.16 17.84
N ASP A 117 -2.85 -25.36 16.60
CA ASP A 117 -2.14 -26.57 16.20
C ASP A 117 -0.62 -26.49 16.20
N THR A 118 -0.05 -25.33 16.40
CA THR A 118 1.40 -25.21 16.35
C THR A 118 2.02 -25.18 17.75
N GLU A 119 2.90 -26.11 17.99
CA GLU A 119 3.62 -26.17 19.24
C GLU A 119 4.68 -25.08 19.30
N GLY A 120 4.71 -24.35 20.41
CA GLY A 120 5.70 -23.31 20.57
C GLY A 120 5.24 -22.01 19.95
N LEU A 121 3.94 -21.76 20.04
CA LEU A 121 3.34 -20.55 19.48
C LEU A 121 2.09 -20.20 20.26
N GLU A 122 2.16 -19.15 21.06
CA GLU A 122 1.04 -18.80 21.90
C GLU A 122 0.56 -17.41 21.58
N PHE A 123 -0.75 -17.22 21.64
CA PHE A 123 -1.36 -15.93 21.39
C PHE A 123 -2.22 -15.54 22.59
N PHE A 124 -2.22 -14.24 22.93
CA PHE A 124 -3.19 -13.66 23.87
C PHE A 124 -3.79 -12.37 23.32
N LEU A 125 -5.09 -12.22 23.52
CA LEU A 125 -5.77 -10.96 23.27
C LEU A 125 -5.31 -9.87 24.22
N GLY A 126 -5.32 -8.64 23.70
CA GLY A 126 -5.07 -7.46 24.50
C GLY A 126 -4.10 -6.47 23.88
N TRP A 127 -3.76 -5.46 24.67
CA TRP A 127 -2.83 -4.45 24.26
C TRP A 127 -1.52 -4.72 24.95
N GLY A 128 -0.52 -5.04 24.16
CA GLY A 128 0.76 -5.40 24.71
C GLY A 128 1.61 -4.17 24.66
N SER A 129 2.29 -3.91 25.76
CA SER A 129 3.10 -2.70 25.87
C SER A 129 4.32 -3.03 26.69
N LEU A 130 5.46 -2.54 26.23
CA LEU A 130 6.71 -2.78 26.91
C LEU A 130 6.62 -2.27 28.36
N GLU A 131 7.23 -3.01 29.28
CA GLU A 131 7.21 -2.62 30.67
C GLU A 131 8.65 -2.50 31.17
N SER A 132 9.48 -3.44 30.72
CA SER A 132 10.90 -3.44 31.06
C SER A 132 11.70 -4.27 30.07
N LYS A 133 13.01 -4.03 30.06
CA LYS A 133 13.95 -4.59 29.10
C LYS A 133 13.72 -6.07 28.72
N ASN A 134 13.18 -6.86 29.64
CA ASN A 134 12.93 -8.28 29.38
C ASN A 134 11.52 -8.76 29.75
N VAL A 135 10.57 -7.84 29.91
CA VAL A 135 9.20 -8.21 30.27
C VAL A 135 8.17 -7.33 29.55
N VAL A 136 7.12 -7.95 29.02
CA VAL A 136 6.05 -7.24 28.34
C VAL A 136 4.71 -7.48 29.03
N ASN A 137 3.96 -6.41 29.26
CA ASN A 137 2.63 -6.50 29.84
C ASN A 137 1.58 -6.66 28.75
N VAL A 138 0.39 -7.11 29.13
CA VAL A 138 -0.77 -6.96 28.28
C VAL A 138 -1.94 -6.38 29.06
N ARG A 139 -2.23 -5.09 28.92
CA ARG A 139 -3.42 -4.52 29.57
C ARG A 139 -4.72 -4.99 28.90
N GLU A 140 -5.87 -4.55 29.40
CA GLU A 140 -7.14 -4.92 28.81
C GLU A 140 -7.52 -3.91 27.74
N SER A 141 -6.99 -2.70 27.88
CA SER A 141 -7.30 -1.61 26.95
C SER A 141 -6.03 -0.88 26.51
N ALA A 142 -6.22 0.14 25.68
CA ALA A 142 -5.13 0.96 25.17
C ALA A 142 -4.40 1.68 26.31
N ASP A 143 -5.18 2.28 27.21
CA ASP A 143 -4.68 3.02 28.38
C ASP A 143 -3.69 2.20 29.19
N PRO A 144 -2.53 2.80 29.52
CA PRO A 144 -1.47 2.11 30.25
C PRO A 144 -1.81 1.91 31.74
N ALA A 145 -3.05 2.23 32.10
CA ALA A 145 -3.55 1.99 33.45
C ALA A 145 -4.83 1.18 33.39
N SER A 146 -4.82 0.13 32.56
CA SER A 146 -5.97 -0.75 32.37
C SER A 146 -5.74 -2.07 33.11
N ALA A 147 -6.72 -2.97 33.02
CA ALA A 147 -6.63 -4.28 33.67
C ALA A 147 -5.51 -5.11 33.04
N VAL A 148 -4.45 -5.40 33.81
CA VAL A 148 -3.36 -6.27 33.35
C VAL A 148 -3.84 -7.70 33.08
N LYS A 149 -3.81 -8.11 31.81
CA LYS A 149 -4.30 -9.44 31.44
C LYS A 149 -3.27 -10.51 31.79
N GLU A 150 -2.06 -10.33 31.25
CA GLU A 150 -0.96 -11.26 31.48
C GLU A 150 0.34 -10.47 31.64
N ARG A 151 1.40 -11.16 32.01
CA ARG A 151 2.70 -10.52 32.18
C ARG A 151 3.74 -11.47 31.65
N LEU A 152 4.21 -11.23 30.43
CA LEU A 152 5.13 -12.15 29.76
C LEU A 152 6.58 -11.71 29.88
N GLU A 153 7.41 -12.58 30.43
CA GLU A 153 8.83 -12.32 30.47
C GLU A 153 9.47 -13.10 29.34
N THR A 154 10.59 -12.59 28.83
CA THR A 154 11.24 -13.20 27.67
C THR A 154 12.67 -12.71 27.44
N GLU A 155 13.34 -13.33 26.49
CA GLU A 155 14.73 -13.00 26.20
C GLU A 155 14.82 -12.02 25.04
N HIS A 156 13.71 -11.89 24.31
CA HIS A 156 13.71 -11.11 23.07
C HIS A 156 12.35 -10.52 22.77
N ILE A 157 12.36 -9.31 22.23
CA ILE A 157 11.13 -8.65 21.83
C ILE A 157 11.16 -8.30 20.35
N LEU A 158 10.00 -8.37 19.71
CA LEU A 158 9.84 -7.84 18.37
C LEU A 158 8.72 -6.82 18.38
N LEU A 159 9.07 -5.58 18.06
CA LEU A 159 8.09 -4.53 17.93
C LEU A 159 7.53 -4.59 16.52
N ALA A 160 6.21 -4.74 16.41
CA ALA A 160 5.62 -4.83 15.09
C ALA A 160 4.18 -4.38 15.10
N SER A 161 3.94 -3.13 15.52
CA SER A 161 2.58 -2.67 15.76
C SER A 161 2.00 -1.98 14.53
N GLY A 162 2.84 -1.89 13.51
CA GLY A 162 2.46 -1.24 12.27
C GLY A 162 1.98 0.18 12.46
N SER A 163 1.07 0.60 11.60
CA SER A 163 0.67 1.98 11.53
C SER A 163 -0.82 2.18 11.78
N TRP A 164 -1.31 3.36 11.42
CA TRP A 164 -2.63 3.84 11.81
C TRP A 164 -2.84 5.11 11.00
N PRO A 165 -4.07 5.39 10.49
CA PRO A 165 -4.35 6.59 9.68
C PRO A 165 -4.03 7.91 10.40
N HIS A 166 -3.60 8.89 9.61
CA HIS A 166 -3.26 10.19 10.16
C HIS A 166 -4.41 11.15 9.85
N MET A 167 -5.01 11.70 10.89
CA MET A 167 -6.06 12.67 10.71
C MET A 167 -5.52 14.02 11.16
N PRO A 168 -5.49 14.98 10.23
CA PRO A 168 -5.04 16.35 10.54
C PRO A 168 -5.87 17.03 11.62
N ASN A 169 -5.19 17.73 12.51
CA ASN A 169 -5.77 18.55 13.58
C ASN A 169 -7.01 19.39 13.28
N ILE A 170 -7.20 19.74 12.01
CA ILE A 170 -8.28 20.60 11.51
C ILE A 170 -9.66 20.37 12.13
N PRO A 171 -10.44 21.44 12.33
CA PRO A 171 -11.74 21.23 12.96
C PRO A 171 -12.79 20.63 12.01
N GLY A 172 -13.75 19.90 12.56
CA GLY A 172 -14.72 19.21 11.74
C GLY A 172 -14.16 17.88 11.29
N ILE A 173 -12.92 17.63 11.72
CA ILE A 173 -12.23 16.38 11.46
C ILE A 173 -13.10 15.19 11.84
N GLU A 174 -13.77 15.28 13.00
CA GLU A 174 -14.59 14.18 13.49
C GLU A 174 -15.83 13.89 12.65
N HIS A 175 -15.84 14.41 11.42
CA HIS A 175 -16.91 14.20 10.44
C HIS A 175 -16.32 13.49 9.22
N CYS A 176 -15.02 13.25 9.28
CA CYS A 176 -14.31 12.56 8.23
C CYS A 176 -13.89 11.16 8.69
N ILE A 177 -13.80 10.25 7.75
CA ILE A 177 -13.41 8.90 8.09
C ILE A 177 -12.05 8.65 7.47
N SER A 178 -11.52 7.47 7.72
CA SER A 178 -10.30 7.04 7.07
C SER A 178 -10.65 5.82 6.21
N SER A 179 -9.64 5.21 5.60
CA SER A 179 -9.84 4.00 4.82
C SER A 179 -10.53 2.93 5.67
N ASN A 180 -10.15 2.89 6.95
CA ASN A 180 -10.71 1.91 7.89
C ASN A 180 -12.24 1.84 7.81
N GLU A 181 -12.90 2.92 8.23
CA GLU A 181 -14.36 3.00 8.22
C GLU A 181 -14.97 2.81 6.81
N ALA A 182 -14.14 2.94 5.78
CA ALA A 182 -14.65 2.87 4.42
C ALA A 182 -14.80 1.43 3.97
N PHE A 183 -14.14 0.51 4.69
CA PHE A 183 -14.30 -0.92 4.46
C PHE A 183 -15.69 -1.43 4.86
N TYR A 184 -16.39 -0.61 5.66
CA TYR A 184 -17.64 -1.02 6.31
C TYR A 184 -18.87 -0.15 6.02
N LEU A 185 -18.73 0.83 5.12
CA LEU A 185 -19.86 1.66 4.71
C LEU A 185 -21.08 0.78 4.43
N PRO A 186 -22.17 1.03 5.17
CA PRO A 186 -23.46 0.41 4.87
C PRO A 186 -23.87 0.73 3.44
N GLU A 187 -24.19 1.99 3.19
CA GLU A 187 -24.52 2.44 1.84
C GLU A 187 -23.17 2.65 1.17
N PRO A 188 -23.14 2.75 -0.17
CA PRO A 188 -21.94 3.32 -0.80
C PRO A 188 -22.07 4.85 -0.85
N PRO A 189 -20.94 5.60 -0.84
CA PRO A 189 -21.04 7.07 -0.95
C PRO A 189 -21.72 7.51 -2.25
N ARG A 190 -22.29 8.71 -2.24
CA ARG A 190 -23.00 9.23 -3.40
C ARG A 190 -22.23 10.39 -4.02
N ARG A 191 -21.65 11.23 -3.16
CA ARG A 191 -20.65 12.20 -3.57
C ARG A 191 -19.54 12.20 -2.53
N VAL A 192 -18.32 11.93 -2.99
CA VAL A 192 -17.26 11.55 -2.08
C VAL A 192 -15.97 12.34 -2.32
N LEU A 193 -15.29 12.62 -1.23
CA LEU A 193 -14.01 13.30 -1.30
C LEU A 193 -12.99 12.37 -0.65
N THR A 194 -12.10 11.85 -1.47
CA THR A 194 -10.91 11.22 -0.94
C THR A 194 -9.85 12.32 -0.89
N VAL A 195 -9.11 12.37 0.22
CA VAL A 195 -8.20 13.49 0.42
C VAL A 195 -6.79 12.96 0.45
N GLY A 196 -5.97 13.46 -0.48
CA GLY A 196 -4.60 13.00 -0.64
C GLY A 196 -4.33 12.47 -2.05
N GLY A 197 -3.04 12.45 -2.40
CA GLY A 197 -2.61 11.91 -3.67
C GLY A 197 -2.00 10.51 -3.59
N GLY A 198 -1.95 9.96 -2.37
CA GLY A 198 -1.39 8.63 -2.12
C GLY A 198 -2.20 7.53 -2.77
N PHE A 199 -1.59 6.36 -2.93
CA PHE A 199 -2.26 5.26 -3.61
C PHE A 199 -3.60 4.97 -2.95
N ILE A 200 -3.62 4.98 -1.63
CA ILE A 200 -4.85 4.71 -0.88
C ILE A 200 -6.01 5.58 -1.35
N SER A 201 -5.72 6.86 -1.55
CA SER A 201 -6.71 7.80 -2.03
C SER A 201 -7.10 7.41 -3.46
N VAL A 202 -6.09 7.21 -4.30
CA VAL A 202 -6.35 6.94 -5.72
C VAL A 202 -7.08 5.62 -5.96
N GLU A 203 -6.78 4.61 -5.16
CA GLU A 203 -7.45 3.33 -5.32
C GLU A 203 -8.93 3.43 -4.93
N PHE A 204 -9.21 3.85 -3.69
CA PHE A 204 -10.60 4.12 -3.25
C PHE A 204 -11.37 5.06 -4.17
N ALA A 205 -10.69 6.04 -4.73
CA ALA A 205 -11.30 6.92 -5.73
C ALA A 205 -11.95 6.09 -6.85
N GLY A 206 -11.20 5.11 -7.37
CA GLY A 206 -11.67 4.25 -8.44
C GLY A 206 -12.77 3.27 -8.04
N ILE A 207 -12.63 2.66 -6.86
CA ILE A 207 -13.69 1.84 -6.29
C ILE A 207 -15.00 2.63 -6.24
N PHE A 208 -15.01 3.69 -5.42
CA PHE A 208 -16.17 4.56 -5.27
C PHE A 208 -16.79 4.96 -6.61
N ASN A 209 -15.95 5.27 -7.59
CA ASN A 209 -16.41 5.65 -8.93
C ASN A 209 -17.11 4.50 -9.70
N ALA A 210 -16.93 3.27 -9.23
CA ALA A 210 -17.53 2.12 -9.89
C ALA A 210 -18.89 1.74 -9.27
N TYR A 211 -19.04 2.06 -7.97
CA TYR A 211 -20.25 1.83 -7.20
C TYR A 211 -21.09 3.10 -7.00
N LYS A 212 -20.70 4.13 -7.73
CA LYS A 212 -21.39 5.40 -7.84
C LYS A 212 -22.87 5.13 -8.06
N PRO A 213 -23.72 5.66 -7.16
CA PRO A 213 -25.16 5.72 -7.43
C PRO A 213 -25.48 6.67 -8.59
N LYS A 214 -26.77 6.83 -8.85
CA LYS A 214 -27.34 7.67 -9.90
C LYS A 214 -26.57 8.94 -10.31
N ASP A 215 -26.93 10.06 -9.66
CA ASP A 215 -26.20 11.30 -9.77
C ASP A 215 -25.01 11.22 -8.84
N GLY A 216 -24.08 10.34 -9.18
CA GLY A 216 -22.93 10.10 -8.36
C GLY A 216 -21.74 10.82 -8.94
N GLN A 217 -20.79 11.15 -8.05
CA GLN A 217 -19.55 11.78 -8.46
C GLN A 217 -18.52 11.60 -7.36
N VAL A 218 -17.30 11.33 -7.79
CA VAL A 218 -16.17 11.10 -6.91
C VAL A 218 -15.25 12.28 -7.11
N THR A 219 -14.69 12.78 -6.02
CA THR A 219 -13.83 13.95 -6.09
C THR A 219 -12.56 13.67 -5.31
N LEU A 220 -11.43 13.83 -5.98
CA LEU A 220 -10.13 13.63 -5.35
C LEU A 220 -9.54 15.00 -5.23
N CYS A 221 -8.91 15.27 -4.09
CA CYS A 221 -8.17 16.51 -3.91
C CYS A 221 -6.81 16.19 -3.34
N TYR A 222 -5.83 16.99 -3.73
CA TYR A 222 -4.48 16.85 -3.23
C TYR A 222 -3.79 18.23 -3.29
N ARG A 223 -3.08 18.60 -2.21
CA ARG A 223 -2.51 19.94 -2.06
C ARG A 223 -1.43 20.29 -3.08
N GLY A 224 -0.75 19.29 -3.61
CA GLY A 224 0.32 19.52 -4.58
C GLY A 224 -0.20 19.62 -6.01
N GLU A 225 0.71 19.38 -6.96
CA GLU A 225 0.45 19.66 -8.38
C GLU A 225 -0.15 18.51 -9.18
N MET A 226 -0.03 17.30 -8.65
CA MET A 226 -0.38 16.08 -9.38
C MET A 226 -0.45 14.93 -8.38
N ILE A 227 -1.32 13.96 -8.67
CA ILE A 227 -1.46 12.80 -7.78
C ILE A 227 -0.21 11.93 -7.75
N LEU A 228 -0.15 11.03 -6.76
CA LEU A 228 0.92 10.04 -6.65
C LEU A 228 2.31 10.66 -6.68
N ARG A 229 2.68 11.31 -5.59
CA ARG A 229 4.00 11.90 -5.46
C ARG A 229 5.02 10.83 -5.13
N GLY A 230 6.14 10.87 -5.85
CA GLY A 230 7.17 9.87 -5.73
C GLY A 230 7.15 8.92 -6.94
N PHE A 231 6.15 9.07 -7.80
CA PHE A 231 6.12 8.21 -8.97
C PHE A 231 6.61 8.97 -10.18
N ASP A 232 7.04 8.21 -11.17
CA ASP A 232 7.59 8.76 -12.40
C ASP A 232 6.55 9.72 -12.95
N HIS A 233 7.00 10.83 -13.51
CA HIS A 233 6.04 11.85 -13.93
C HIS A 233 5.11 11.38 -15.05
N THR A 234 5.61 10.52 -15.95
CA THR A 234 4.79 10.01 -17.06
C THR A 234 3.57 9.26 -16.56
N LEU A 235 3.79 8.40 -15.56
CA LEU A 235 2.68 7.67 -14.95
C LEU A 235 1.69 8.66 -14.31
N ARG A 236 2.21 9.61 -13.52
CA ARG A 236 1.38 10.65 -12.89
C ARG A 236 0.50 11.43 -13.87
N GLU A 237 1.08 11.85 -14.99
CA GLU A 237 0.27 12.57 -15.99
C GLU A 237 -0.82 11.68 -16.59
N GLU A 238 -0.40 10.52 -17.08
CA GLU A 238 -1.29 9.59 -17.77
C GLU A 238 -2.44 9.13 -16.90
N LEU A 239 -2.13 8.57 -15.74
CA LEU A 239 -3.19 8.14 -14.83
C LEU A 239 -4.17 9.28 -14.54
N THR A 240 -3.63 10.48 -14.34
CA THR A 240 -4.47 11.68 -14.12
C THR A 240 -5.47 11.83 -15.26
N LYS A 241 -4.98 11.81 -16.49
CA LYS A 241 -5.87 12.00 -17.61
C LYS A 241 -6.88 10.86 -17.65
N GLN A 242 -6.42 9.64 -17.34
CA GLN A 242 -7.25 8.45 -17.50
C GLN A 242 -8.32 8.32 -16.39
N LEU A 243 -8.04 8.86 -15.21
CA LEU A 243 -9.02 8.87 -14.14
C LEU A 243 -10.08 9.92 -14.49
N THR A 244 -9.59 11.05 -14.97
CA THR A 244 -10.45 12.13 -15.46
C THR A 244 -11.41 11.55 -16.47
N ALA A 245 -10.84 10.93 -17.50
CA ALA A 245 -11.63 10.28 -18.55
C ALA A 245 -12.67 9.28 -18.01
N ASN A 246 -12.42 8.73 -16.83
CA ASN A 246 -13.41 7.82 -16.22
C ASN A 246 -14.32 8.56 -15.22
N GLY A 247 -14.42 9.88 -15.39
CA GLY A 247 -15.39 10.69 -14.65
C GLY A 247 -15.07 10.86 -13.18
N ILE A 248 -13.79 10.82 -12.84
CA ILE A 248 -13.36 11.17 -11.50
C ILE A 248 -12.91 12.62 -11.56
N GLN A 249 -13.32 13.40 -10.57
CA GLN A 249 -12.91 14.79 -10.42
C GLN A 249 -11.69 14.89 -9.52
N ILE A 250 -10.58 15.30 -10.11
CA ILE A 250 -9.34 15.47 -9.38
C ILE A 250 -9.09 16.95 -9.28
N LEU A 251 -9.05 17.43 -8.03
CA LEU A 251 -8.74 18.84 -7.74
C LEU A 251 -7.33 18.98 -7.17
N THR A 252 -6.43 19.48 -8.01
CA THR A 252 -5.04 19.72 -7.61
C THR A 252 -4.89 21.08 -6.93
N LYS A 253 -3.89 21.19 -6.04
CA LYS A 253 -3.72 22.39 -5.21
C LYS A 253 -5.01 22.77 -4.48
N GLU A 254 -5.57 21.83 -3.74
CA GLU A 254 -6.69 22.08 -2.85
C GLU A 254 -6.56 21.21 -1.62
N ASN A 255 -6.89 21.78 -0.48
CA ASN A 255 -6.83 21.05 0.75
C ASN A 255 -7.82 21.67 1.71
N PRO A 256 -8.54 20.81 2.44
CA PRO A 256 -9.47 21.21 3.49
C PRO A 256 -8.84 22.06 4.59
N ALA A 257 -9.57 23.10 4.97
CA ALA A 257 -9.22 23.94 6.10
C ALA A 257 -10.12 23.54 7.27
N LYS A 258 -11.38 23.24 6.98
CA LYS A 258 -12.33 22.79 8.00
C LYS A 258 -13.47 21.96 7.38
N VAL A 259 -14.12 21.18 8.23
CA VAL A 259 -15.24 20.35 7.81
C VAL A 259 -16.47 20.70 8.62
N GLU A 260 -17.51 21.13 7.93
CA GLU A 260 -18.75 21.50 8.61
C GLU A 260 -19.86 20.53 8.28
N LEU A 261 -20.58 20.09 9.33
CA LEU A 261 -21.74 19.23 9.15
C LEU A 261 -22.91 20.06 8.66
N ASN A 262 -23.66 19.52 7.70
CA ASN A 262 -24.61 20.34 6.95
C ASN A 262 -25.99 20.41 7.55
N ALA A 263 -26.91 21.08 6.85
CA ALA A 263 -28.29 21.19 7.29
C ALA A 263 -28.89 19.79 7.42
N ASP A 264 -29.10 19.15 6.28
CA ASP A 264 -29.60 17.77 6.26
C ASP A 264 -28.67 16.80 7.00
N GLY A 265 -27.84 16.11 6.22
CA GLY A 265 -26.85 15.20 6.76
C GLY A 265 -25.52 15.33 6.03
N SER A 266 -25.51 16.16 4.97
CA SER A 266 -24.34 16.36 4.11
C SER A 266 -23.14 16.83 4.93
N LYS A 267 -22.00 16.92 4.28
CA LYS A 267 -20.84 17.54 4.89
C LYS A 267 -20.43 18.65 3.94
N SER A 268 -20.05 19.78 4.50
CA SER A 268 -19.61 20.91 3.72
C SER A 268 -18.17 21.25 4.03
N VAL A 269 -17.32 21.08 3.03
CA VAL A 269 -15.90 21.22 3.22
C VAL A 269 -15.51 22.60 2.70
N THR A 270 -14.72 23.30 3.52
CA THR A 270 -14.08 24.56 3.13
C THR A 270 -12.59 24.30 2.91
N PHE A 271 -12.09 24.56 1.70
CA PHE A 271 -10.66 24.42 1.42
C PHE A 271 -9.89 25.70 1.78
N GLU A 272 -8.57 25.59 1.78
CA GLU A 272 -7.71 26.74 1.97
C GLU A 272 -8.05 27.84 0.97
N SER A 273 -8.19 27.47 -0.30
CA SER A 273 -8.48 28.40 -1.39
C SER A 273 -9.76 29.18 -1.15
N GLY A 274 -10.60 28.66 -0.25
CA GLY A 274 -11.85 29.31 0.04
C GLY A 274 -12.96 28.65 -0.74
N LYS A 275 -12.59 27.73 -1.64
CA LYS A 275 -13.59 26.94 -2.33
C LYS A 275 -14.41 26.10 -1.35
N LYS A 276 -15.74 26.12 -1.53
CA LYS A 276 -16.66 25.31 -0.72
C LYS A 276 -17.33 24.25 -1.57
N MET A 277 -17.31 23.02 -1.08
CA MET A 277 -17.95 21.91 -1.75
C MET A 277 -18.73 21.03 -0.78
N ASP A 278 -19.91 20.61 -1.19
CA ASP A 278 -20.72 19.65 -0.45
C ASP A 278 -20.46 18.22 -0.93
N PHE A 279 -20.30 17.31 0.03
CA PHE A 279 -20.13 15.89 -0.24
C PHE A 279 -21.00 15.04 0.69
N ASP A 280 -21.07 13.74 0.43
CA ASP A 280 -21.69 12.84 1.37
C ASP A 280 -20.68 12.20 2.30
N LEU A 281 -19.46 11.99 1.77
CA LEU A 281 -18.39 11.35 2.54
C LEU A 281 -17.07 12.08 2.44
N VAL A 282 -16.31 12.07 3.52
CA VAL A 282 -14.99 12.66 3.48
C VAL A 282 -13.97 11.67 4.04
N MET A 283 -13.14 11.11 3.16
CA MET A 283 -12.15 10.14 3.60
C MET A 283 -10.73 10.71 3.55
N MET A 284 -10.15 10.91 4.73
CA MET A 284 -8.74 11.23 4.86
C MET A 284 -7.88 10.04 4.43
N ALA A 285 -6.73 10.33 3.85
CA ALA A 285 -5.82 9.29 3.41
C ALA A 285 -4.44 9.89 3.24
N ILE A 286 -4.23 11.04 3.89
CA ILE A 286 -2.97 11.75 3.75
C ILE A 286 -1.74 11.32 4.52
N GLY A 287 -1.81 10.09 5.03
CA GLY A 287 -0.65 9.47 5.63
C GLY A 287 -1.03 8.56 6.77
N ARG A 288 -0.09 7.71 7.16
CA ARG A 288 -0.26 6.79 8.27
C ARG A 288 0.95 6.92 9.18
N SER A 289 0.71 6.83 10.49
CA SER A 289 1.77 7.08 11.46
C SER A 289 1.98 5.79 12.19
N PRO A 290 3.23 5.51 12.56
CA PRO A 290 3.53 4.33 13.39
C PRO A 290 2.66 4.32 14.66
N ARG A 291 2.39 3.13 15.22
CA ARG A 291 1.58 2.98 16.42
C ARG A 291 2.46 2.77 17.64
N THR A 292 3.35 3.74 17.85
CA THR A 292 4.35 3.74 18.92
C THR A 292 3.87 4.22 20.30
N LYS A 293 2.74 4.94 20.35
CA LYS A 293 2.23 5.49 21.61
C LYS A 293 1.91 4.41 22.66
N ASP A 294 0.85 3.65 22.39
CA ASP A 294 0.35 2.59 23.29
C ASP A 294 1.38 1.50 23.63
N LEU A 295 2.53 1.55 22.97
CA LEU A 295 3.63 0.63 23.24
C LEU A 295 4.38 0.98 24.51
N GLN A 296 4.46 2.28 24.79
CA GLN A 296 5.21 2.81 25.94
C GLN A 296 6.63 2.24 26.05
N LEU A 297 7.54 2.75 25.22
CA LEU A 297 8.87 2.19 25.09
C LEU A 297 9.84 2.74 26.11
N GLN A 298 9.54 3.94 26.62
CA GLN A 298 10.41 4.64 27.56
C GLN A 298 10.69 3.80 28.81
N ASN A 299 9.71 2.98 29.20
CA ASN A 299 9.90 2.01 30.29
C ASN A 299 11.14 1.12 30.10
N ALA A 300 11.64 1.07 28.86
CA ALA A 300 12.85 0.31 28.53
C ALA A 300 13.91 1.19 27.87
N GLY A 301 13.46 2.32 27.31
CA GLY A 301 14.38 3.32 26.77
C GLY A 301 14.58 3.28 25.27
N VAL A 302 13.63 2.65 24.56
CA VAL A 302 13.72 2.44 23.10
C VAL A 302 13.58 3.73 22.27
N MET A 303 14.62 4.03 21.50
CA MET A 303 14.71 5.31 20.80
C MET A 303 13.73 5.50 19.63
N ILE A 304 12.96 6.57 19.69
CA ILE A 304 12.14 7.02 18.59
C ILE A 304 12.95 8.00 17.75
N LYS A 305 12.60 8.15 16.47
CA LYS A 305 13.29 9.07 15.58
C LYS A 305 12.49 9.37 14.31
N ASN A 306 12.18 10.66 14.12
CA ASN A 306 11.40 11.13 12.98
C ASN A 306 10.05 10.46 12.90
N GLY A 307 9.61 9.90 14.01
CA GLY A 307 8.31 9.23 14.07
C GLY A 307 8.39 7.72 14.12
N GLY A 308 9.49 7.16 13.65
CA GLY A 308 9.64 5.72 13.62
C GLY A 308 10.73 5.22 14.54
N VAL A 309 10.58 3.99 15.03
CA VAL A 309 11.56 3.40 15.93
C VAL A 309 12.90 3.21 15.24
N GLN A 310 13.91 3.92 15.71
CA GLN A 310 15.25 3.80 15.16
C GLN A 310 15.70 2.34 15.11
N VAL A 311 16.27 1.95 13.97
CA VAL A 311 16.78 0.60 13.77
C VAL A 311 17.94 0.63 12.81
N ASP A 312 18.75 -0.41 12.87
CA ASP A 312 19.91 -0.58 12.00
C ASP A 312 19.59 -1.57 10.88
N GLU A 313 20.64 -2.02 10.19
CA GLU A 313 20.51 -2.92 9.06
C GLU A 313 19.91 -4.29 9.42
N TYR A 314 20.04 -4.70 10.68
CA TYR A 314 19.55 -6.01 11.10
C TYR A 314 18.37 -5.92 12.06
N SER A 315 17.66 -4.79 12.00
CA SER A 315 16.45 -4.55 12.78
C SER A 315 16.75 -4.43 14.27
N ARG A 316 18.03 -4.52 14.64
CA ARG A 316 18.48 -4.23 15.99
C ARG A 316 18.02 -2.82 16.28
N THR A 317 17.20 -2.64 17.30
CA THR A 317 16.85 -1.29 17.69
C THR A 317 18.10 -0.61 18.26
N ASN A 318 18.07 -0.28 19.54
CA ASN A 318 19.19 0.40 20.19
C ASN A 318 19.46 -0.29 21.53
N VAL A 319 18.38 -0.76 22.15
CA VAL A 319 18.44 -1.69 23.25
C VAL A 319 18.67 -3.08 22.65
N SER A 320 19.74 -3.74 23.08
CA SER A 320 20.00 -5.12 22.69
C SER A 320 18.76 -5.97 22.99
N ASN A 321 18.63 -7.09 22.30
CA ASN A 321 17.50 -8.00 22.52
C ASN A 321 16.11 -7.49 22.14
N ILE A 322 16.02 -6.21 21.81
CA ILE A 322 14.73 -5.60 21.49
C ILE A 322 14.89 -5.35 19.99
N TYR A 323 13.79 -5.46 19.24
CA TYR A 323 13.85 -5.38 17.79
C TYR A 323 12.60 -4.75 17.19
N ALA A 324 12.77 -4.20 15.99
CA ALA A 324 11.69 -3.50 15.30
C ALA A 324 11.71 -3.64 13.77
N ILE A 325 10.55 -3.95 13.21
CA ILE A 325 10.34 -3.99 11.76
C ILE A 325 8.90 -3.60 11.42
N GLY A 326 8.65 -3.28 10.16
CA GLY A 326 7.28 -3.03 9.75
C GLY A 326 7.03 -1.57 9.55
N ASP A 327 5.75 -1.20 9.45
CA ASP A 327 5.33 0.19 9.34
C ASP A 327 5.81 1.04 10.52
N VAL A 328 6.07 0.38 11.65
CA VAL A 328 6.53 1.05 12.86
C VAL A 328 7.90 1.72 12.67
N THR A 329 8.62 1.37 11.60
CA THR A 329 9.94 1.94 11.33
C THR A 329 9.87 3.19 10.48
N ASN A 330 8.66 3.59 10.09
CA ASN A 330 8.48 4.75 9.23
C ASN A 330 9.42 4.83 8.03
N ARG A 331 9.53 3.73 7.28
CA ARG A 331 10.26 3.71 6.02
C ARG A 331 9.25 3.53 4.87
N VAL A 332 9.42 2.47 4.08
CA VAL A 332 8.45 2.14 3.05
C VAL A 332 7.45 1.14 3.62
N MET A 333 6.17 1.52 3.68
CA MET A 333 5.18 0.71 4.36
C MET A 333 4.44 -0.23 3.40
N LEU A 334 5.06 -1.37 3.08
CA LEU A 334 4.44 -2.39 2.26
C LEU A 334 4.43 -3.69 3.04
N THR A 335 3.50 -4.58 2.71
CA THR A 335 3.48 -5.88 3.35
C THR A 335 4.72 -6.74 3.09
N PRO A 336 5.08 -6.99 1.82
CA PRO A 336 6.24 -7.86 1.56
C PRO A 336 7.56 -7.35 2.16
N VAL A 337 7.68 -6.05 2.38
CA VAL A 337 8.88 -5.51 3.02
C VAL A 337 8.92 -5.89 4.50
N ALA A 338 7.75 -5.86 5.15
CA ALA A 338 7.64 -6.29 6.54
C ALA A 338 7.89 -7.80 6.68
N ILE A 339 7.59 -8.54 5.61
CA ILE A 339 7.78 -9.98 5.65
C ILE A 339 9.25 -10.35 5.47
N ASN A 340 9.91 -9.71 4.50
CA ASN A 340 11.34 -9.89 4.24
C ASN A 340 12.15 -9.53 5.48
N GLU A 341 11.76 -8.45 6.15
CA GLU A 341 12.42 -7.99 7.36
C GLU A 341 12.27 -8.98 8.51
N ALA A 342 11.15 -9.70 8.52
CA ALA A 342 10.83 -10.64 9.58
C ALA A 342 11.64 -11.90 9.40
N ALA A 343 11.59 -12.46 8.20
CA ALA A 343 12.29 -13.69 7.91
C ALA A 343 13.80 -13.53 8.08
N ALA A 344 14.29 -12.29 7.93
CA ALA A 344 15.73 -12.00 8.05
C ALA A 344 16.14 -11.95 9.51
N LEU A 345 15.35 -11.19 10.27
CA LEU A 345 15.53 -11.01 11.69
C LEU A 345 15.71 -12.37 12.35
N VAL A 346 14.73 -13.25 12.15
CA VAL A 346 14.73 -14.55 12.80
C VAL A 346 15.92 -15.43 12.43
N ASP A 347 16.26 -15.49 11.14
CA ASP A 347 17.46 -16.20 10.69
C ASP A 347 18.70 -15.72 11.44
N THR A 348 18.89 -14.39 11.48
CA THR A 348 20.05 -13.78 12.13
C THR A 348 20.05 -14.03 13.63
N VAL A 349 18.88 -13.89 14.24
CA VAL A 349 18.74 -14.03 15.68
C VAL A 349 18.82 -15.47 16.19
N PHE A 350 18.03 -16.37 15.60
CA PHE A 350 17.97 -17.74 16.09
C PHE A 350 18.70 -18.72 15.20
N GLY A 351 19.57 -18.21 14.32
CA GLY A 351 20.22 -19.09 13.36
C GLY A 351 21.73 -18.96 13.23
N THR A 352 22.23 -19.58 12.16
CA THR A 352 23.66 -19.77 11.90
C THR A 352 24.23 -18.71 10.98
N THR A 353 23.39 -18.23 10.06
CA THR A 353 23.79 -17.26 9.04
C THR A 353 22.95 -15.98 9.12
N PRO A 354 23.48 -14.94 9.79
CA PRO A 354 22.80 -13.64 9.86
C PRO A 354 22.48 -13.07 8.48
N ARG A 355 21.39 -12.34 8.34
CA ARG A 355 21.08 -11.70 7.07
C ARG A 355 20.39 -10.33 7.23
N LYS A 356 20.59 -9.45 6.27
CA LYS A 356 19.93 -8.15 6.29
C LYS A 356 19.04 -7.93 5.06
N THR A 357 17.95 -7.20 5.27
CA THR A 357 16.98 -6.92 4.24
C THR A 357 17.51 -5.89 3.25
N ASP A 358 17.44 -6.22 1.97
CA ASP A 358 17.76 -5.25 0.94
C ASP A 358 16.52 -4.39 0.69
N HIS A 359 16.63 -3.09 0.99
CA HIS A 359 15.49 -2.18 0.86
C HIS A 359 15.42 -1.52 -0.53
N THR A 360 16.38 -1.85 -1.39
CA THR A 360 16.44 -1.29 -2.75
C THR A 360 15.71 -2.11 -3.82
N ARG A 361 15.59 -1.52 -5.00
CA ARG A 361 14.94 -2.15 -6.14
C ARG A 361 13.60 -2.85 -5.84
N VAL A 362 12.86 -2.34 -4.85
CA VAL A 362 11.64 -3.01 -4.42
C VAL A 362 10.47 -2.72 -5.37
N ALA A 363 9.95 -3.77 -6.00
CA ALA A 363 8.79 -3.65 -6.89
C ALA A 363 7.51 -3.37 -6.13
N SER A 364 6.66 -2.52 -6.69
CA SER A 364 5.46 -2.18 -5.99
C SER A 364 4.44 -1.86 -7.05
N ALA A 365 3.17 -1.78 -6.63
CA ALA A 365 2.05 -1.55 -7.54
C ALA A 365 0.99 -0.59 -6.97
N VAL A 366 0.31 0.13 -7.84
CA VAL A 366 -0.80 0.93 -7.38
C VAL A 366 -1.96 0.34 -8.14
N PHE A 367 -2.94 -0.16 -7.38
CA PHE A 367 -4.13 -0.76 -7.99
C PHE A 367 -5.21 0.24 -8.37
N SER A 368 -4.80 1.35 -8.98
CA SER A 368 -5.75 2.30 -9.56
C SER A 368 -6.41 1.62 -10.76
N ILE A 369 -7.25 2.37 -11.48
CA ILE A 369 -7.90 1.82 -12.68
C ILE A 369 -7.79 2.81 -13.83
N PRO A 370 -6.77 2.64 -14.69
CA PRO A 370 -5.76 1.57 -14.81
C PRO A 370 -4.81 1.47 -13.62
N PRO A 371 -4.13 0.33 -13.43
CA PRO A 371 -3.16 0.13 -12.35
C PRO A 371 -1.78 0.53 -12.80
N ILE A 372 -0.84 0.56 -11.86
CA ILE A 372 0.53 0.96 -12.11
C ILE A 372 1.42 -0.05 -11.46
N GLY A 373 2.48 -0.43 -12.16
CA GLY A 373 3.48 -1.30 -11.58
C GLY A 373 4.80 -0.58 -11.73
N THR A 374 5.57 -0.62 -10.66
CA THR A 374 6.82 0.10 -10.65
C THR A 374 7.91 -0.59 -9.83
N CYS A 375 9.15 -0.39 -10.27
CA CYS A 375 10.31 -0.88 -9.55
C CYS A 375 11.44 0.05 -9.86
N GLY A 376 12.25 0.40 -8.87
CA GLY A 376 13.45 1.19 -9.13
C GLY A 376 13.30 2.70 -9.04
N LEU A 377 14.29 3.45 -9.54
CA LEU A 377 14.29 4.92 -9.47
C LEU A 377 13.42 5.62 -10.51
N ILE A 378 13.15 6.90 -10.28
CA ILE A 378 12.38 7.67 -11.25
C ILE A 378 13.28 8.65 -12.01
N GLU A 379 12.82 9.08 -13.17
CA GLU A 379 13.57 10.04 -13.98
C GLU A 379 14.25 11.12 -13.15
N GLU A 380 13.55 11.75 -12.21
CA GLU A 380 14.20 12.78 -11.41
C GLU A 380 15.35 12.15 -10.62
N VAL A 381 15.10 11.82 -9.35
CA VAL A 381 16.13 11.22 -8.51
C VAL A 381 17.34 10.70 -9.29
N ALA A 382 17.12 9.70 -10.14
CA ALA A 382 18.21 9.04 -10.86
C ALA A 382 19.07 10.02 -11.67
N SER A 383 18.43 11.01 -12.29
CA SER A 383 19.14 12.06 -13.02
C SER A 383 20.10 12.82 -12.11
N LYS A 384 19.91 12.70 -10.79
CA LYS A 384 20.76 13.40 -9.83
C LYS A 384 21.77 12.52 -9.12
N ARG A 385 21.62 11.20 -9.19
CA ARG A 385 22.63 10.36 -8.55
C ARG A 385 23.59 9.87 -9.60
N TYR A 386 23.31 10.21 -10.85
CA TYR A 386 24.03 9.58 -11.95
C TYR A 386 24.38 10.55 -13.05
N GLU A 387 25.68 10.62 -13.31
CA GLU A 387 26.22 11.52 -14.32
C GLU A 387 25.51 11.44 -15.66
N VAL A 388 25.22 10.22 -16.14
CA VAL A 388 24.50 10.07 -17.39
C VAL A 388 23.37 9.04 -17.31
N VAL A 389 22.19 9.48 -17.73
CA VAL A 389 20.96 8.69 -17.61
C VAL A 389 20.19 8.57 -18.92
N ALA A 390 19.84 7.35 -19.28
CA ALA A 390 19.13 7.10 -20.51
C ALA A 390 17.70 6.73 -20.18
N VAL A 391 16.75 7.24 -20.95
CA VAL A 391 15.33 6.94 -20.76
C VAL A 391 14.71 6.29 -22.01
N TYR A 392 14.18 5.07 -21.84
CA TYR A 392 13.51 4.34 -22.94
C TYR A 392 11.99 4.30 -22.71
N LEU A 393 11.25 4.94 -23.60
CA LEU A 393 9.82 5.14 -23.36
C LEU A 393 8.98 4.73 -24.57
N SER A 394 7.92 3.99 -24.31
CA SER A 394 6.92 3.70 -25.32
C SER A 394 5.58 3.99 -24.68
N SER A 395 4.75 4.79 -25.38
CA SER A 395 3.48 5.26 -24.84
C SER A 395 2.43 5.25 -25.92
N PHE A 396 1.76 4.12 -26.10
CA PHE A 396 0.79 3.98 -27.16
C PHE A 396 -0.49 3.46 -26.58
N THR A 397 -1.52 3.36 -27.42
CA THR A 397 -2.75 2.75 -27.00
C THR A 397 -2.76 1.41 -27.69
N PRO A 398 -2.80 0.36 -26.88
CA PRO A 398 -2.82 -1.01 -27.36
C PRO A 398 -4.02 -1.25 -28.30
N LEU A 399 -3.83 -2.15 -29.25
CA LEU A 399 -4.84 -2.54 -30.23
C LEU A 399 -6.20 -2.71 -29.59
N MET A 400 -6.27 -3.66 -28.67
CA MET A 400 -7.48 -4.03 -27.98
C MET A 400 -8.28 -2.84 -27.46
N HIS A 401 -7.62 -1.71 -27.22
CA HIS A 401 -8.28 -0.51 -26.72
C HIS A 401 -8.62 0.50 -27.80
N LYS A 402 -7.94 0.40 -28.93
CA LYS A 402 -8.29 1.18 -30.11
C LYS A 402 -9.74 0.88 -30.47
N VAL A 403 -10.11 -0.41 -30.51
CA VAL A 403 -11.52 -0.81 -30.53
C VAL A 403 -12.03 -0.56 -29.11
N SER A 404 -12.76 -1.50 -28.53
CA SER A 404 -13.30 -1.35 -27.18
C SER A 404 -14.10 -0.06 -26.95
N GLY A 405 -13.48 1.08 -27.21
CA GLY A 405 -14.06 2.38 -26.87
C GLY A 405 -13.12 3.24 -26.06
N SER A 406 -12.34 2.60 -25.21
CA SER A 406 -11.48 3.32 -24.26
C SER A 406 -10.18 3.79 -24.91
N LYS A 407 -10.29 4.50 -26.03
CA LYS A 407 -9.13 5.00 -26.76
C LYS A 407 -8.13 5.74 -25.87
N TYR A 408 -8.59 6.22 -24.72
CA TYR A 408 -7.79 7.05 -23.82
C TYR A 408 -6.86 6.23 -22.92
N LYS A 409 -6.93 4.91 -23.05
CA LYS A 409 -6.19 4.00 -22.17
C LYS A 409 -4.77 3.68 -22.68
N THR A 410 -3.93 4.70 -22.68
CA THR A 410 -2.53 4.58 -23.08
C THR A 410 -1.77 3.60 -22.19
N PHE A 411 -1.03 2.67 -22.80
CA PHE A 411 -0.06 1.85 -22.03
C PHE A 411 1.34 2.47 -22.01
N VAL A 412 1.89 2.64 -20.82
CA VAL A 412 3.16 3.35 -20.68
C VAL A 412 4.24 2.43 -20.15
N ALA A 413 5.31 2.26 -20.91
CA ALA A 413 6.44 1.47 -20.45
C ALA A 413 7.70 2.29 -20.53
N LYS A 414 8.41 2.33 -19.42
CA LYS A 414 9.50 3.26 -19.32
C LYS A 414 10.64 2.61 -18.60
N ILE A 415 11.75 2.43 -19.31
CA ILE A 415 12.95 1.94 -18.68
C ILE A 415 13.89 3.11 -18.56
N ILE A 416 14.43 3.31 -17.37
CA ILE A 416 15.41 4.35 -17.17
C ILE A 416 16.72 3.68 -16.72
N THR A 417 17.86 4.06 -17.31
CA THR A 417 19.15 3.42 -16.99
C THR A 417 20.31 4.39 -16.78
N ASN A 418 21.30 3.93 -16.00
CA ASN A 418 22.60 4.59 -15.93
C ASN A 418 23.36 4.28 -17.20
N HIS A 419 23.36 5.24 -18.12
CA HIS A 419 23.91 5.03 -19.44
C HIS A 419 25.41 4.70 -19.48
N SER A 420 26.12 4.87 -18.38
CA SER A 420 27.55 4.53 -18.31
C SER A 420 27.94 3.04 -18.45
N ASP A 421 27.01 2.13 -18.13
CA ASP A 421 27.32 0.70 -18.18
C ASP A 421 26.14 -0.09 -18.72
N GLY A 422 24.97 0.55 -18.69
CA GLY A 422 23.77 -0.06 -19.23
C GLY A 422 22.78 -0.47 -18.17
N THR A 423 23.21 -0.47 -16.89
CA THR A 423 22.42 -0.98 -15.76
C THR A 423 21.01 -0.36 -15.68
N VAL A 424 19.98 -1.20 -15.52
CA VAL A 424 18.61 -0.67 -15.45
C VAL A 424 18.34 -0.13 -14.07
N LEU A 425 18.05 1.18 -14.01
CA LEU A 425 17.83 1.90 -12.77
C LEU A 425 16.37 1.88 -12.33
N GLY A 426 15.44 1.94 -13.28
CA GLY A 426 14.03 1.84 -12.93
C GLY A 426 13.16 1.45 -14.11
N VAL A 427 12.07 0.73 -13.83
CA VAL A 427 11.05 0.43 -14.83
C VAL A 427 9.70 0.91 -14.28
N HIS A 428 8.90 1.55 -15.13
CA HIS A 428 7.61 2.09 -14.71
C HIS A 428 6.53 1.75 -15.70
N LEU A 429 5.43 1.16 -15.20
CA LEU A 429 4.37 0.66 -16.05
C LEU A 429 3.04 1.25 -15.63
N LEU A 430 2.26 1.67 -16.62
CA LEU A 430 0.85 2.00 -16.38
C LEU A 430 0.00 1.32 -17.45
N GLY A 431 -1.08 0.68 -17.03
CA GLY A 431 -1.91 -0.10 -17.93
C GLY A 431 -2.32 -1.41 -17.29
N ASP A 432 -3.41 -1.99 -17.77
CA ASP A 432 -3.88 -3.28 -17.27
C ASP A 432 -2.78 -4.31 -17.07
N ASN A 433 -2.89 -5.07 -15.99
CA ASN A 433 -1.90 -6.09 -15.64
C ASN A 433 -0.44 -5.61 -15.37
N ALA A 434 -0.17 -4.30 -15.47
CA ALA A 434 1.12 -3.77 -15.05
C ALA A 434 1.59 -4.28 -13.68
N PRO A 435 0.69 -4.43 -12.71
CA PRO A 435 1.17 -5.06 -11.47
C PRO A 435 1.71 -6.49 -11.66
N GLU A 436 1.08 -7.28 -12.50
CA GLU A 436 1.57 -8.63 -12.74
C GLU A 436 2.88 -8.57 -13.50
N ILE A 437 2.98 -7.62 -14.42
CA ILE A 437 4.16 -7.54 -15.26
C ILE A 437 5.38 -7.06 -14.47
N ILE A 438 5.18 -6.16 -13.53
CA ILE A 438 6.33 -5.54 -12.89
C ILE A 438 7.04 -6.50 -11.97
N GLN A 439 6.42 -7.62 -11.64
CA GLN A 439 7.00 -8.49 -10.62
C GLN A 439 8.25 -9.15 -11.13
N GLY A 440 8.20 -9.56 -12.38
CA GLY A 440 9.31 -10.27 -12.97
C GLY A 440 10.50 -9.36 -13.00
N ILE A 441 10.32 -8.20 -13.62
CA ILE A 441 11.38 -7.23 -13.72
C ILE A 441 12.03 -6.94 -12.34
N GLY A 442 11.25 -7.06 -11.27
CA GLY A 442 11.77 -6.87 -9.92
C GLY A 442 12.88 -7.87 -9.68
N ILE A 443 12.69 -9.11 -10.13
CA ILE A 443 13.74 -10.13 -10.11
C ILE A 443 14.91 -9.74 -11.02
N CYS A 444 14.61 -9.24 -12.22
CA CYS A 444 15.66 -8.80 -13.14
C CYS A 444 16.60 -7.79 -12.51
N LEU A 445 16.03 -6.80 -11.84
CA LEU A 445 16.85 -5.74 -11.28
C LEU A 445 17.69 -6.27 -10.10
N LYS A 446 17.12 -7.17 -9.32
CA LYS A 446 17.85 -7.84 -8.26
C LYS A 446 19.11 -8.47 -8.85
N LEU A 447 19.00 -8.88 -10.10
CA LEU A 447 20.13 -9.47 -10.81
C LEU A 447 20.94 -8.41 -11.55
N ASN A 448 20.73 -7.15 -11.21
CA ASN A 448 21.58 -6.10 -11.78
C ASN A 448 21.54 -6.10 -13.31
N ALA A 449 20.37 -6.38 -13.87
CA ALA A 449 20.20 -6.43 -15.32
C ALA A 449 20.58 -5.11 -15.97
N LYS A 450 21.10 -5.21 -17.20
CA LYS A 450 21.31 -4.03 -18.01
C LYS A 450 20.23 -3.96 -19.09
N ILE A 451 20.13 -2.80 -19.73
CA ILE A 451 19.13 -2.58 -20.75
C ILE A 451 19.28 -3.59 -21.89
N SER A 452 20.51 -4.02 -22.12
CA SER A 452 20.73 -5.03 -23.16
C SER A 452 20.18 -6.41 -22.75
N ASP A 453 20.15 -6.69 -21.45
CA ASP A 453 19.55 -7.92 -20.98
C ASP A 453 18.05 -7.95 -21.29
N PHE A 454 17.44 -6.78 -21.38
CA PHE A 454 16.03 -6.68 -21.75
C PHE A 454 15.88 -6.89 -23.24
N TYR A 455 16.56 -6.06 -24.01
CA TYR A 455 16.31 -6.05 -25.44
C TYR A 455 16.87 -7.28 -26.16
N ASN A 456 17.71 -8.05 -25.48
CA ASN A 456 18.18 -9.31 -26.05
C ASN A 456 17.24 -10.45 -25.77
N THR A 457 16.40 -10.28 -24.77
CA THR A 457 15.38 -11.28 -24.46
C THR A 457 14.36 -11.28 -25.58
N ILE A 458 13.89 -12.46 -25.92
CA ILE A 458 12.96 -12.65 -27.02
C ILE A 458 11.54 -12.46 -26.49
N GLY A 459 10.82 -11.53 -27.12
CA GLY A 459 9.47 -11.19 -26.65
C GLY A 459 8.45 -12.31 -26.64
N VAL A 460 7.35 -12.10 -25.92
CA VAL A 460 6.19 -12.99 -25.89
C VAL A 460 5.06 -12.26 -26.60
N HIS A 461 4.74 -12.66 -27.81
CA HIS A 461 3.86 -11.89 -28.68
C HIS A 461 2.52 -12.58 -28.88
N PRO A 462 1.42 -11.84 -28.79
CA PRO A 462 1.40 -10.45 -28.34
C PRO A 462 1.08 -10.28 -26.85
N THR A 463 1.83 -9.41 -26.20
CA THR A 463 1.53 -9.06 -24.82
C THR A 463 1.73 -7.59 -24.73
N SER A 464 1.43 -7.06 -23.55
CA SER A 464 1.81 -5.69 -23.29
C SER A 464 3.27 -5.76 -22.86
N ALA A 465 3.60 -6.79 -22.10
CA ALA A 465 4.94 -6.92 -21.53
C ALA A 465 6.05 -6.95 -22.56
N GLU A 466 5.77 -7.27 -23.81
CA GLU A 466 6.91 -7.46 -24.70
C GLU A 466 7.56 -6.12 -24.96
N GLU A 467 6.85 -5.07 -24.58
CA GLU A 467 7.35 -3.72 -24.79
C GLU A 467 8.67 -3.46 -24.05
N LEU A 468 8.87 -4.19 -22.95
CA LEU A 468 10.09 -4.15 -22.17
C LEU A 468 11.30 -4.74 -22.89
N CYS A 469 11.06 -5.53 -23.92
CA CYS A 469 12.16 -6.07 -24.69
C CYS A 469 12.18 -5.37 -26.03
N SER A 470 11.41 -4.28 -26.16
CA SER A 470 11.19 -3.69 -27.48
C SER A 470 11.93 -2.42 -27.78
N MET A 471 12.66 -1.92 -26.78
CA MET A 471 13.27 -0.62 -26.90
C MET A 471 14.77 -0.76 -26.83
N ARG A 472 15.46 -0.41 -27.94
CA ARG A 472 16.92 -0.43 -27.95
C ARG A 472 17.54 0.97 -27.94
N THR A 473 16.82 1.92 -28.54
CA THR A 473 17.32 3.29 -28.73
C THR A 473 16.64 4.28 -27.80
N PRO A 474 17.40 4.90 -26.88
CA PRO A 474 16.83 5.77 -25.87
C PRO A 474 15.98 6.84 -26.52
N SER A 475 14.97 7.31 -25.80
CA SER A 475 14.11 8.36 -26.26
C SER A 475 14.79 9.68 -25.94
N TYR A 476 15.54 9.71 -24.84
CA TYR A 476 16.27 10.91 -24.46
C TYR A 476 17.17 10.60 -23.30
N TYR A 477 18.11 11.49 -23.05
CA TYR A 477 19.08 11.28 -22.02
C TYR A 477 19.01 12.40 -21.01
N TYR A 478 19.54 12.15 -19.82
CA TYR A 478 19.80 13.20 -18.86
C TYR A 478 21.28 13.25 -18.59
N VAL A 479 21.92 14.31 -19.07
CA VAL A 479 23.36 14.46 -18.85
C VAL A 479 23.59 15.49 -17.76
N LYS A 480 24.29 15.07 -16.70
CA LYS A 480 24.55 15.94 -15.56
C LYS A 480 23.31 16.74 -15.09
N GLY A 481 22.13 16.19 -15.34
CA GLY A 481 20.88 16.72 -14.83
C GLY A 481 19.97 17.40 -15.83
N GLU A 482 20.50 17.74 -17.00
CA GLU A 482 19.69 18.37 -18.05
C GLU A 482 19.39 17.44 -19.23
N LYS A 483 18.15 17.54 -19.72
CA LYS A 483 17.62 16.67 -20.76
C LYS A 483 18.31 16.92 -22.10
N MET A 484 18.72 15.86 -22.77
CA MET A 484 19.42 15.96 -24.06
C MET A 484 19.01 14.87 -25.01
N GLU A 485 19.28 15.06 -26.30
CA GLU A 485 18.90 14.08 -27.31
C GLU A 485 19.97 13.97 -28.38
N LYS A 486 19.82 12.99 -29.25
CA LYS A 486 20.65 12.89 -30.43
C LYS A 486 20.04 13.74 -31.53
N PRO A 487 20.87 14.37 -32.38
CA PRO A 487 20.39 15.22 -33.46
C PRO A 487 19.86 14.41 -34.66
#